data_3OF0
#
_entry.id   3OF0
#
_cell.length_a   42.072
_cell.length_b   63.496
_cell.length_c   74.126
_cell.angle_alpha   78.66
_cell.angle_beta   89.41
_cell.angle_gamma   90.00
#
_symmetry.space_group_name_H-M   'P 1'
#
loop_
_entity.id
_entity.type
_entity.pdbx_description
1 polymer 'Proto-oncogene tyrosine-protein kinase Src'
2 water water
#
_entity_poly.entity_id   1
_entity_poly.type   'polypeptide(L)'
_entity_poly.pdbx_seq_one_letter_code
;GHMQTQGLAKDAWEIPRESLRLEVKLGQGCFGEVWMGTWNGTTRVAIKTLKPGTMSPEAFLQEAQVMKKIRHEKLVQLYA
VVSEEPIYIVTEYMSKGSLLDFLKGEMGKYLRLPQLVDMAAQIASGMAYVERMNYVHRDLRAANILVGENLVCKVADFGL
ARLIEDNEYTARQGAKFPIKWTAPEAALYGRFTIKSDVWSFGILLTELTTKGRVPYPGMVNREVLDQVERGYRMPCPPEC
PESLHDLMCQCWRKDPEERPTFEYLQAFLEDYFTSTEPQYQPGENL
;
_entity_poly.pdbx_strand_id   A,B
#
# COMPACT_ATOMS: atom_id res chain seq x y z
N LYS A 10 -24.36 30.80 25.55
CA LYS A 10 -23.21 29.92 25.41
C LYS A 10 -22.23 30.45 24.36
N ASP A 11 -21.47 29.54 23.76
CA ASP A 11 -20.56 29.86 22.67
C ASP A 11 -21.37 29.89 21.37
N ALA A 12 -20.95 30.69 20.41
CA ALA A 12 -21.67 30.83 19.15
C ALA A 12 -21.67 29.53 18.36
N TRP A 13 -20.74 28.66 18.70
CA TRP A 13 -20.52 27.39 18.01
C TRP A 13 -21.63 26.37 18.35
N GLU A 14 -21.99 26.29 19.62
CA GLU A 14 -22.92 25.28 20.09
C GLU A 14 -24.17 25.13 19.21
N ILE A 15 -24.53 23.89 18.95
CA ILE A 15 -25.72 23.58 18.17
C ILE A 15 -26.52 22.52 18.90
N PRO A 16 -27.84 22.51 18.66
CA PRO A 16 -28.71 21.48 19.23
C PRO A 16 -28.32 20.11 18.68
N ARG A 17 -28.50 19.07 19.48
CA ARG A 17 -28.15 17.72 19.05
C ARG A 17 -29.11 17.23 17.97
N GLU A 18 -30.27 17.85 17.87
CA GLU A 18 -31.25 17.46 16.88
C GLU A 18 -30.80 17.86 15.47
N SER A 19 -30.00 18.92 15.39
CA SER A 19 -29.58 19.46 14.10
C SER A 19 -28.46 18.65 13.44
N LEU A 20 -28.10 17.53 14.05
CA LEU A 20 -27.07 16.66 13.47
C LEU A 20 -27.58 15.28 13.11
N ARG A 21 -27.29 14.85 11.88
CA ARG A 21 -27.59 13.51 11.42
C ARG A 21 -26.30 12.81 10.99
N LEU A 22 -25.97 11.71 11.66
CA LEU A 22 -24.81 10.92 11.27
C LEU A 22 -25.21 9.83 10.28
N GLU A 23 -24.99 10.09 9.00
CA GLU A 23 -25.47 9.19 7.94
C GLU A 23 -24.50 8.06 7.62
N VAL A 24 -23.25 8.41 7.33
CA VAL A 24 -22.26 7.43 6.90
C VAL A 24 -21.00 7.45 7.77
N LYS A 25 -20.60 6.29 8.25
CA LYS A 25 -19.38 6.17 9.05
C LYS A 25 -18.17 6.10 8.12
N LEU A 26 -17.14 6.88 8.43
CA LEU A 26 -15.97 6.96 7.58
C LEU A 26 -14.74 6.39 8.27
N GLY A 27 -14.69 6.50 9.59
CA GLY A 27 -13.55 6.02 10.35
C GLY A 27 -13.84 5.84 11.82
N GLN A 28 -12.93 5.15 12.50
CA GLN A 28 -13.05 4.89 13.93
C GLN A 28 -11.67 4.76 14.55
N GLY A 29 -11.36 5.66 15.48
CA GLY A 29 -10.03 5.70 16.07
C GLY A 29 -10.00 5.38 17.55
N CYS A 30 -9.03 5.96 18.25
CA CYS A 30 -8.82 5.71 19.67
C CYS A 30 -9.73 6.60 20.52
N PHE A 31 -10.05 7.78 20.00
CA PHE A 31 -10.77 8.79 20.77
C PHE A 31 -12.14 9.14 20.21
N GLY A 32 -12.59 8.41 19.19
CA GLY A 32 -13.90 8.69 18.60
C GLY A 32 -14.06 8.23 17.17
N GLU A 33 -15.07 8.78 16.50
CA GLU A 33 -15.39 8.37 15.14
C GLU A 33 -15.43 9.55 14.17
N VAL A 34 -15.48 9.23 12.88
CA VAL A 34 -15.65 10.23 11.84
C VAL A 34 -16.82 9.85 10.95
N TRP A 35 -17.72 10.80 10.73
CA TRP A 35 -18.91 10.54 9.93
C TRP A 35 -19.15 11.63 8.90
N MET A 36 -19.84 11.27 7.83
CA MET A 36 -20.46 12.24 6.94
C MET A 36 -21.91 12.33 7.38
N GLY A 37 -22.49 13.52 7.32
CA GLY A 37 -23.87 13.69 7.75
C GLY A 37 -24.51 14.97 7.26
N THR A 38 -25.68 15.28 7.81
CA THR A 38 -26.36 16.51 7.46
C THR A 38 -26.57 17.40 8.68
N TRP A 39 -26.37 18.69 8.51
CA TRP A 39 -26.54 19.67 9.58
C TRP A 39 -27.69 20.62 9.21
N ASN A 40 -28.74 20.59 10.02
CA ASN A 40 -29.96 21.35 9.73
C ASN A 40 -30.70 20.78 8.53
N GLY A 41 -30.43 19.52 8.22
CA GLY A 41 -31.10 18.83 7.13
C GLY A 41 -30.87 19.50 5.79
N THR A 42 -29.85 20.35 5.72
CA THR A 42 -29.56 21.09 4.50
C THR A 42 -28.07 21.03 4.14
N THR A 43 -27.23 21.00 5.17
CA THR A 43 -25.79 21.10 4.97
C THR A 43 -25.09 19.77 5.20
N ARG A 44 -24.50 19.21 4.15
CA ARG A 44 -23.66 18.03 4.30
C ARG A 44 -22.41 18.43 5.07
N VAL A 45 -21.99 17.59 6.01
CA VAL A 45 -20.89 17.94 6.89
C VAL A 45 -20.06 16.73 7.28
N ALA A 46 -18.85 17.01 7.76
CA ALA A 46 -18.02 15.98 8.39
C ALA A 46 -18.20 16.11 9.89
N ILE A 47 -18.51 14.99 10.55
CA ILE A 47 -18.76 14.98 11.98
C ILE A 47 -17.77 14.08 12.70
N LYS A 48 -17.07 14.64 13.67
CA LYS A 48 -16.13 13.84 14.47
C LYS A 48 -16.64 13.69 15.90
N THR A 49 -16.53 12.48 16.44
CA THR A 49 -17.05 12.19 17.77
C THR A 49 -15.96 11.83 18.76
N LEU A 50 -16.26 12.00 20.04
CA LEU A 50 -15.33 11.63 21.09
C LEU A 50 -15.94 10.55 21.97
N LYS A 51 -15.15 9.52 22.27
CA LYS A 51 -15.62 8.44 23.13
C LYS A 51 -15.33 8.76 24.59
N PRO A 52 -16.40 8.94 25.39
CA PRO A 52 -16.25 9.27 26.80
C PRO A 52 -15.48 8.20 27.55
N GLY A 53 -14.41 8.60 28.24
CA GLY A 53 -13.63 7.68 29.03
C GLY A 53 -12.37 7.20 28.33
N THR A 54 -12.06 7.82 27.19
CA THR A 54 -10.85 7.48 26.44
C THR A 54 -10.08 8.76 26.15
N MET A 55 -10.72 9.89 26.43
CA MET A 55 -10.13 11.20 26.18
C MET A 55 -10.70 12.20 27.16
N SER A 56 -9.91 13.22 27.47
CA SER A 56 -10.38 14.32 28.30
C SER A 56 -11.14 15.30 27.41
N PRO A 57 -12.33 15.72 27.86
CA PRO A 57 -13.15 16.68 27.12
C PRO A 57 -12.32 17.90 26.72
N GLU A 58 -11.60 18.47 27.68
CA GLU A 58 -10.77 19.64 27.43
C GLU A 58 -9.63 19.29 26.47
N ALA A 59 -9.19 18.03 26.52
CA ALA A 59 -8.08 17.56 25.71
C ALA A 59 -8.46 17.46 24.22
N PHE A 60 -9.62 16.88 23.95
CA PHE A 60 -10.10 16.74 22.58
C PHE A 60 -10.65 18.08 22.08
N LEU A 61 -11.42 18.75 22.92
CA LEU A 61 -11.94 20.08 22.58
C LEU A 61 -10.83 21.11 22.67
N GLN A 62 -9.68 20.78 22.07
CA GLN A 62 -8.55 21.69 21.98
C GLN A 62 -8.38 22.11 20.53
N GLU A 63 -8.22 21.12 19.65
CA GLU A 63 -8.06 21.37 18.22
C GLU A 63 -9.26 22.14 17.68
N ALA A 64 -10.37 22.11 18.42
CA ALA A 64 -11.56 22.85 18.02
C ALA A 64 -11.41 24.32 18.39
N GLN A 65 -10.97 24.59 19.61
CA GLN A 65 -10.73 25.96 20.05
C GLN A 65 -9.68 26.63 19.18
N VAL A 66 -8.87 25.80 18.51
CA VAL A 66 -7.84 26.31 17.62
C VAL A 66 -8.44 26.82 16.32
N MET A 67 -9.16 25.92 15.63
CA MET A 67 -9.79 26.24 14.36
C MET A 67 -10.84 27.35 14.50
N LYS A 68 -11.04 27.86 15.74
CA LYS A 68 -11.98 28.98 16.00
C LYS A 68 -11.35 30.26 15.51
N LYS A 69 -10.09 30.48 15.85
CA LYS A 69 -9.38 31.67 15.37
C LYS A 69 -9.10 31.57 13.88
N ILE A 70 -8.90 30.34 13.41
CA ILE A 70 -8.53 30.09 12.03
C ILE A 70 -9.69 30.31 11.05
N ARG A 71 -9.37 30.82 9.86
CA ARG A 71 -10.33 30.94 8.78
C ARG A 71 -9.63 31.22 7.45
N HIS A 72 -9.43 30.18 6.64
CA HIS A 72 -8.81 30.30 5.33
C HIS A 72 -9.45 29.31 4.38
N GLU A 73 -9.50 29.66 3.09
CA GLU A 73 -10.16 28.80 2.10
C GLU A 73 -9.39 27.52 1.84
N LYS A 74 -8.15 27.46 2.31
CA LYS A 74 -7.32 26.28 2.11
C LYS A 74 -7.14 25.49 3.40
N LEU A 75 -7.96 25.82 4.39
CA LEU A 75 -7.96 25.11 5.66
C LEU A 75 -9.37 24.61 5.97
N VAL A 76 -9.48 23.32 6.30
CA VAL A 76 -10.76 22.73 6.63
C VAL A 76 -11.50 23.56 7.65
N GLN A 77 -12.70 24.01 7.29
CA GLN A 77 -13.45 24.96 8.11
C GLN A 77 -14.32 24.31 9.18
N LEU A 78 -14.16 24.75 10.42
CA LEU A 78 -15.01 24.32 11.52
C LEU A 78 -16.39 24.95 11.39
N TYR A 79 -17.43 24.14 11.59
CA TYR A 79 -18.82 24.62 11.50
C TYR A 79 -19.48 24.80 12.86
N ALA A 80 -19.42 23.77 13.71
CA ALA A 80 -20.10 23.81 14.99
C ALA A 80 -19.59 22.76 15.95
N VAL A 81 -20.04 22.84 17.21
CA VAL A 81 -19.62 21.89 18.23
C VAL A 81 -20.72 21.48 19.20
N VAL A 82 -20.47 20.37 19.89
CA VAL A 82 -21.24 19.97 21.06
C VAL A 82 -20.25 19.71 22.17
N SER A 83 -19.99 20.77 22.94
CA SER A 83 -18.95 20.79 23.94
C SER A 83 -19.28 19.88 25.13
N GLU A 84 -20.55 19.51 25.23
CA GLU A 84 -21.02 18.63 26.30
C GLU A 84 -20.96 17.17 25.84
N GLU A 85 -20.46 16.31 26.71
CA GLU A 85 -20.26 14.91 26.38
C GLU A 85 -21.60 14.19 26.20
N PRO A 86 -21.70 13.33 25.17
CA PRO A 86 -20.64 13.06 24.20
C PRO A 86 -20.39 14.23 23.26
N ILE A 87 -19.12 14.45 22.93
CA ILE A 87 -18.72 15.59 22.12
C ILE A 87 -18.93 15.35 20.62
N TYR A 88 -19.22 16.42 19.90
CA TYR A 88 -19.32 16.37 18.44
C TYR A 88 -18.66 17.59 17.83
N ILE A 89 -17.86 17.37 16.79
CA ILE A 89 -17.21 18.47 16.08
C ILE A 89 -17.58 18.44 14.60
N VAL A 90 -18.27 19.49 14.15
CA VAL A 90 -18.75 19.57 12.78
C VAL A 90 -17.87 20.49 11.94
N THR A 91 -17.36 19.98 10.82
CA THR A 91 -16.55 20.77 9.90
C THR A 91 -17.10 20.67 8.49
N GLU A 92 -16.52 21.42 7.57
CA GLU A 92 -16.92 21.32 6.18
C GLU A 92 -16.58 19.93 5.66
N TYR A 93 -17.39 19.40 4.75
CA TYR A 93 -17.16 18.05 4.24
C TYR A 93 -16.22 18.05 3.05
N MET A 94 -15.22 17.17 3.10
CA MET A 94 -14.32 16.96 1.97
C MET A 94 -14.59 15.58 1.37
N SER A 95 -15.07 15.58 0.14
CA SER A 95 -15.66 14.39 -0.47
C SER A 95 -14.68 13.31 -0.89
N LYS A 96 -13.40 13.65 -1.02
CA LYS A 96 -12.44 12.70 -1.56
C LYS A 96 -11.57 12.02 -0.52
N GLY A 97 -11.81 12.35 0.75
CA GLY A 97 -11.04 11.79 1.84
C GLY A 97 -9.65 12.39 1.90
N SER A 98 -8.71 11.64 2.47
CA SER A 98 -7.34 12.11 2.60
C SER A 98 -6.66 12.15 1.23
N LEU A 99 -5.65 13.01 1.11
CA LEU A 99 -4.88 13.11 -0.10
C LEU A 99 -4.13 11.80 -0.35
N LEU A 100 -3.77 11.14 0.74
CA LEU A 100 -3.05 9.87 0.67
C LEU A 100 -3.88 8.80 -0.03
N ASP A 101 -5.11 8.60 0.42
CA ASP A 101 -6.01 7.64 -0.20
C ASP A 101 -6.30 8.03 -1.64
N PHE A 102 -6.56 9.31 -1.84
CA PHE A 102 -6.85 9.86 -3.16
C PHE A 102 -5.69 9.60 -4.11
N LEU A 103 -4.48 9.63 -3.57
CA LEU A 103 -3.27 9.51 -4.37
C LEU A 103 -2.95 8.04 -4.67
N LYS A 104 -3.39 7.16 -3.78
CA LYS A 104 -3.10 5.73 -3.91
C LYS A 104 -4.17 4.98 -4.72
N GLY A 105 -5.40 5.47 -4.67
CA GLY A 105 -6.53 4.78 -5.25
C GLY A 105 -6.85 5.11 -6.69
N GLU A 106 -8.07 4.74 -7.10
CA GLU A 106 -8.53 4.88 -8.48
C GLU A 106 -8.05 6.16 -9.16
N MET A 107 -8.24 7.29 -8.50
CA MET A 107 -7.90 8.59 -9.09
C MET A 107 -6.42 8.77 -9.40
N GLY A 108 -5.56 8.15 -8.59
CA GLY A 108 -4.12 8.33 -8.75
C GLY A 108 -3.61 8.14 -10.18
N LYS A 109 -4.02 7.05 -10.81
CA LYS A 109 -3.45 6.65 -12.09
C LYS A 109 -3.53 7.73 -13.17
N TYR A 110 -4.43 8.69 -12.98
CA TYR A 110 -4.66 9.71 -14.00
C TYR A 110 -4.01 11.04 -13.66
N LEU A 111 -3.69 11.24 -12.38
CA LEU A 111 -3.07 12.47 -11.92
C LEU A 111 -1.70 12.71 -12.56
N ARG A 112 -1.56 13.88 -13.18
CA ARG A 112 -0.29 14.26 -13.80
C ARG A 112 0.46 15.33 -13.03
N LEU A 113 1.64 15.68 -13.51
CA LEU A 113 2.50 16.66 -12.84
C LEU A 113 1.80 18.02 -12.64
N PRO A 114 1.09 18.51 -13.67
CA PRO A 114 0.37 19.78 -13.57
C PRO A 114 -0.67 19.80 -12.47
N GLN A 115 -1.38 18.68 -12.27
CA GLN A 115 -2.39 18.61 -11.23
C GLN A 115 -1.77 18.48 -9.85
N LEU A 116 -0.72 17.68 -9.76
CA LEU A 116 -0.05 17.43 -8.49
C LEU A 116 0.64 18.69 -7.98
N VAL A 117 1.13 19.50 -8.91
CA VAL A 117 1.78 20.76 -8.56
C VAL A 117 0.74 21.79 -8.14
N ASP A 118 -0.47 21.63 -8.68
CA ASP A 118 -1.56 22.53 -8.34
C ASP A 118 -2.03 22.25 -6.91
N MET A 119 -2.13 20.97 -6.57
CA MET A 119 -2.51 20.58 -5.22
C MET A 119 -1.47 21.04 -4.21
N ALA A 120 -0.20 20.96 -4.62
CA ALA A 120 0.89 21.42 -3.76
C ALA A 120 0.78 22.92 -3.53
N ALA A 121 0.43 23.64 -4.58
CA ALA A 121 0.28 25.10 -4.51
C ALA A 121 -0.85 25.48 -3.55
N GLN A 122 -1.92 24.69 -3.53
CA GLN A 122 -3.04 24.94 -2.64
C GLN A 122 -2.62 24.76 -1.18
N ILE A 123 -2.02 23.61 -0.89
CA ILE A 123 -1.57 23.30 0.47
C ILE A 123 -0.59 24.35 0.96
N ALA A 124 0.38 24.70 0.12
CA ALA A 124 1.36 25.72 0.46
C ALA A 124 0.65 27.04 0.76
N SER A 125 -0.48 27.26 0.12
CA SER A 125 -1.28 28.47 0.35
C SER A 125 -1.92 28.45 1.73
N GLY A 126 -2.37 27.27 2.15
CA GLY A 126 -2.95 27.11 3.47
C GLY A 126 -1.90 27.23 4.56
N MET A 127 -0.72 26.67 4.30
CA MET A 127 0.38 26.76 5.25
C MET A 127 0.98 28.16 5.28
N ALA A 128 0.77 28.91 4.21
CA ALA A 128 1.22 30.30 4.14
C ALA A 128 0.39 31.16 5.08
N TYR A 129 -0.90 30.85 5.16
CA TYR A 129 -1.78 31.53 6.11
C TYR A 129 -1.38 31.14 7.52
N VAL A 130 -1.18 29.85 7.74
CA VAL A 130 -0.69 29.35 9.02
C VAL A 130 0.60 30.08 9.37
N GLU A 131 1.39 30.39 8.35
CA GLU A 131 2.67 31.06 8.53
C GLU A 131 2.49 32.50 9.01
N ARG A 132 1.52 33.19 8.42
CA ARG A 132 1.25 34.59 8.76
C ARG A 132 0.69 34.74 10.17
N MET A 133 -0.01 33.72 10.65
CA MET A 133 -0.62 33.77 11.97
C MET A 133 0.38 33.28 13.03
N ASN A 134 1.62 33.08 12.62
CA ASN A 134 2.67 32.60 13.52
C ASN A 134 2.28 31.29 14.20
N TYR A 135 1.59 30.42 13.46
CA TYR A 135 1.20 29.12 13.96
C TYR A 135 2.11 28.01 13.46
N VAL A 136 2.09 26.86 14.14
CA VAL A 136 2.84 25.68 13.71
C VAL A 136 1.90 24.48 13.63
N HIS A 137 2.11 23.63 12.62
CA HIS A 137 1.20 22.50 12.39
C HIS A 137 1.64 21.22 13.11
N ARG A 138 2.89 20.81 12.88
CA ARG A 138 3.48 19.67 13.58
C ARG A 138 3.29 18.32 12.90
N ASP A 139 2.28 18.22 12.04
CA ASP A 139 2.02 16.95 11.35
C ASP A 139 1.57 17.19 9.91
N LEU A 140 2.31 18.00 9.17
CA LEU A 140 1.98 18.27 7.78
C LEU A 140 2.39 17.11 6.87
N ARG A 141 1.40 16.38 6.37
CA ARG A 141 1.64 15.28 5.43
C ARG A 141 0.36 14.90 4.68
N ALA A 142 0.49 13.99 3.73
CA ALA A 142 -0.65 13.61 2.89
C ALA A 142 -1.81 13.04 3.70
N ALA A 143 -1.50 12.24 4.71
CA ALA A 143 -2.53 11.62 5.54
C ALA A 143 -3.41 12.67 6.21
N ASN A 144 -2.91 13.90 6.29
CA ASN A 144 -3.63 14.96 6.97
C ASN A 144 -4.17 16.05 6.05
N ILE A 145 -4.03 15.84 4.74
CA ILE A 145 -4.58 16.76 3.75
C ILE A 145 -5.85 16.19 3.15
N LEU A 146 -6.93 16.97 3.16
CA LEU A 146 -8.21 16.51 2.63
C LEU A 146 -8.49 17.04 1.23
N VAL A 147 -9.07 16.19 0.38
CA VAL A 147 -9.41 16.56 -0.97
C VAL A 147 -10.92 16.71 -1.14
N GLY A 148 -11.33 17.72 -1.91
CA GLY A 148 -12.74 17.95 -2.17
C GLY A 148 -13.03 17.90 -3.65
N GLU A 149 -14.23 18.34 -4.03
CA GLU A 149 -14.62 18.36 -5.42
C GLU A 149 -13.69 19.30 -6.18
N ASN A 150 -13.34 18.93 -7.41
CA ASN A 150 -12.54 19.79 -8.28
C ASN A 150 -11.05 19.85 -7.89
N LEU A 151 -10.53 18.72 -7.41
CA LEU A 151 -9.12 18.63 -7.01
C LEU A 151 -8.71 19.66 -5.96
N VAL A 152 -9.66 20.07 -5.12
CA VAL A 152 -9.38 21.01 -4.04
C VAL A 152 -8.72 20.31 -2.86
N CYS A 153 -7.73 20.96 -2.28
CA CYS A 153 -7.00 20.38 -1.15
C CYS A 153 -6.88 21.37 0.01
N LYS A 154 -7.17 20.90 1.21
CA LYS A 154 -7.12 21.73 2.40
C LYS A 154 -6.34 21.06 3.53
N VAL A 155 -5.73 21.86 4.39
CA VAL A 155 -4.99 21.34 5.54
C VAL A 155 -5.97 21.00 6.66
N ALA A 156 -5.67 19.95 7.42
CA ALA A 156 -6.56 19.49 8.49
C ALA A 156 -5.79 18.91 9.66
N ASP A 157 -6.52 18.47 10.68
CA ASP A 157 -5.91 17.90 11.88
C ASP A 157 -4.85 18.84 12.42
N PHE A 158 -5.29 20.01 12.85
CA PHE A 158 -4.38 21.08 13.26
C PHE A 158 -4.48 21.34 14.77
N GLY A 159 -4.41 20.27 15.55
CA GLY A 159 -4.47 20.38 17.00
C GLY A 159 -4.51 19.04 17.70
N PHE A 177 5.61 7.24 15.23
CA PHE A 177 5.99 8.64 15.03
C PHE A 177 6.30 8.91 13.56
N PRO A 178 5.87 10.08 13.06
CA PRO A 178 6.11 10.50 11.66
C PRO A 178 7.57 10.87 11.44
N ILE A 179 8.48 10.02 11.88
CA ILE A 179 9.91 10.28 11.73
C ILE A 179 10.27 10.61 10.29
N LYS A 180 9.68 9.89 9.35
CA LYS A 180 9.99 10.08 7.94
C LYS A 180 9.42 11.39 7.40
N TRP A 181 8.63 12.08 8.22
CA TRP A 181 8.04 13.35 7.83
C TRP A 181 8.57 14.50 8.67
N THR A 182 9.12 14.18 9.85
CA THR A 182 9.52 15.19 10.82
C THR A 182 10.97 15.66 10.63
N ALA A 183 11.16 16.98 10.65
CA ALA A 183 12.50 17.56 10.57
C ALA A 183 13.37 17.10 11.72
N PRO A 184 14.68 16.92 11.45
CA PRO A 184 15.64 16.41 12.43
C PRO A 184 15.63 17.18 13.75
N GLU A 185 15.56 18.51 13.69
CA GLU A 185 15.58 19.30 14.91
C GLU A 185 14.35 19.04 15.77
N ALA A 186 13.20 18.85 15.12
CA ALA A 186 11.96 18.59 15.83
C ALA A 186 11.95 17.17 16.39
N ALA A 187 12.30 16.20 15.53
CA ALA A 187 12.30 14.80 15.92
C ALA A 187 13.27 14.54 17.08
N LEU A 188 14.42 15.20 17.04
CA LEU A 188 15.47 14.95 18.02
C LEU A 188 15.38 15.87 19.25
N TYR A 189 15.20 17.16 19.01
CA TYR A 189 15.24 18.13 20.10
C TYR A 189 13.88 18.79 20.37
N GLY A 190 12.85 18.31 19.70
CA GLY A 190 11.52 18.87 19.89
C GLY A 190 11.42 20.30 19.44
N ARG A 191 12.36 20.72 18.59
CA ARG A 191 12.38 22.07 18.06
C ARG A 191 11.36 22.19 16.92
N PHE A 192 10.09 22.33 17.27
CA PHE A 192 9.02 22.42 16.28
C PHE A 192 8.69 23.86 15.90
N THR A 193 8.85 24.19 14.63
CA THR A 193 8.50 25.52 14.11
C THR A 193 7.87 25.42 12.72
N ILE A 194 7.52 26.57 12.16
CA ILE A 194 6.98 26.63 10.80
C ILE A 194 8.04 26.17 9.80
N LYS A 195 9.30 26.19 10.23
CA LYS A 195 10.41 25.77 9.39
C LYS A 195 10.53 24.25 9.37
N SER A 196 10.12 23.60 10.45
CA SER A 196 10.06 22.14 10.47
C SER A 196 8.79 21.70 9.75
N ASP A 197 7.84 22.61 9.64
CA ASP A 197 6.65 22.39 8.83
C ASP A 197 7.03 22.40 7.35
N VAL A 198 7.94 23.29 6.99
CA VAL A 198 8.44 23.37 5.62
C VAL A 198 9.17 22.09 5.25
N TRP A 199 9.90 21.52 6.22
CA TRP A 199 10.58 20.26 6.00
C TRP A 199 9.57 19.19 5.62
N SER A 200 8.54 19.03 6.44
CA SER A 200 7.50 18.06 6.20
C SER A 200 6.85 18.30 4.83
N PHE A 201 6.88 19.55 4.38
CA PHE A 201 6.31 19.91 3.09
C PHE A 201 7.13 19.29 1.95
N GLY A 202 8.45 19.27 2.12
CA GLY A 202 9.32 18.63 1.15
C GLY A 202 9.06 17.14 1.08
N ILE A 203 8.74 16.54 2.22
CA ILE A 203 8.38 15.13 2.28
C ILE A 203 7.01 14.93 1.65
N LEU A 204 6.18 15.97 1.72
CA LEU A 204 4.86 15.92 1.12
C LEU A 204 5.00 15.97 -0.39
N LEU A 205 6.07 16.62 -0.85
CA LEU A 205 6.32 16.77 -2.28
C LEU A 205 6.63 15.42 -2.95
N THR A 206 7.24 14.51 -2.18
CA THR A 206 7.56 13.20 -2.71
C THR A 206 6.31 12.34 -2.81
N GLU A 207 5.43 12.48 -1.82
CA GLU A 207 4.17 11.75 -1.81
C GLU A 207 3.35 12.08 -3.05
N LEU A 208 3.31 13.35 -3.42
CA LEU A 208 2.55 13.80 -4.58
C LEU A 208 3.17 13.28 -5.88
N THR A 209 4.49 13.17 -5.91
CA THR A 209 5.20 12.81 -7.12
C THR A 209 5.46 11.31 -7.26
N THR A 210 5.10 10.54 -6.25
CA THR A 210 5.24 9.09 -6.30
C THR A 210 3.89 8.42 -6.12
N LYS A 211 2.84 9.22 -6.19
CA LYS A 211 1.47 8.72 -6.06
C LYS A 211 1.19 8.14 -4.67
N GLY A 212 1.66 8.82 -3.63
CA GLY A 212 1.38 8.42 -2.26
C GLY A 212 2.20 7.29 -1.70
N ARG A 213 3.44 7.15 -2.15
CA ARG A 213 4.33 6.10 -1.64
C ARG A 213 5.12 6.56 -0.42
N VAL A 214 5.22 5.70 0.58
CA VAL A 214 5.91 6.01 1.83
C VAL A 214 7.35 6.45 1.59
N PRO A 215 7.73 7.60 2.15
CA PRO A 215 9.09 8.15 2.00
C PRO A 215 10.17 7.20 2.51
N TYR A 216 11.35 7.30 1.92
CA TYR A 216 12.48 6.45 2.29
C TYR A 216 12.12 4.96 2.24
N PRO A 217 11.65 4.50 1.07
CA PRO A 217 11.25 3.10 0.88
C PRO A 217 12.37 2.13 1.25
N GLY A 218 12.03 1.06 1.95
CA GLY A 218 13.00 0.07 2.36
C GLY A 218 13.74 0.43 3.65
N MET A 219 13.59 1.68 4.09
CA MET A 219 14.31 2.16 5.27
C MET A 219 13.39 2.30 6.50
N VAL A 220 13.80 1.68 7.61
CA VAL A 220 13.05 1.80 8.86
C VAL A 220 13.28 3.16 9.50
N ASN A 221 12.65 3.40 10.65
CA ASN A 221 12.78 4.67 11.34
C ASN A 221 14.21 4.95 11.78
N ARG A 222 14.91 3.91 12.20
CA ARG A 222 16.27 4.05 12.70
C ARG A 222 17.25 4.47 11.60
N GLU A 223 17.10 3.88 10.41
CA GLU A 223 17.97 4.23 9.30
C GLU A 223 17.76 5.68 8.87
N VAL A 224 16.51 6.13 8.92
CA VAL A 224 16.15 7.47 8.48
C VAL A 224 16.79 8.55 9.36
N LEU A 225 16.73 8.35 10.67
CA LEU A 225 17.33 9.29 11.62
C LEU A 225 18.82 9.42 11.38
N ASP A 226 19.53 8.29 11.39
CA ASP A 226 20.96 8.28 11.15
C ASP A 226 21.32 9.00 9.85
N GLN A 227 20.67 8.59 8.77
CA GLN A 227 21.09 8.97 7.43
C GLN A 227 20.81 10.44 7.11
N VAL A 228 19.58 10.89 7.41
CA VAL A 228 19.25 12.31 7.23
C VAL A 228 20.27 13.15 7.96
N GLU A 229 20.70 12.66 9.12
CA GLU A 229 21.67 13.35 9.95
C GLU A 229 23.04 13.34 9.28
N ARG A 230 23.26 12.32 8.46
CA ARG A 230 24.50 12.18 7.69
C ARG A 230 24.48 13.04 6.43
N GLY A 231 23.35 13.69 6.19
CA GLY A 231 23.21 14.61 5.07
C GLY A 231 22.52 13.97 3.88
N TYR A 232 22.03 12.75 4.07
CA TYR A 232 21.33 12.04 3.01
C TYR A 232 19.96 12.65 2.75
N ARG A 233 19.59 12.72 1.48
CA ARG A 233 18.28 13.22 1.09
C ARG A 233 17.70 12.35 -0.02
N MET A 234 16.38 12.22 -0.04
CA MET A 234 15.72 11.38 -1.05
C MET A 234 16.05 11.87 -2.46
N PRO A 235 16.32 10.93 -3.38
CA PRO A 235 16.69 11.22 -4.76
C PRO A 235 15.51 11.75 -5.57
N CYS A 236 15.79 12.18 -6.79
CA CYS A 236 14.75 12.65 -7.69
C CYS A 236 13.83 11.50 -8.08
N PRO A 237 12.54 11.61 -7.72
CA PRO A 237 11.58 10.57 -8.06
C PRO A 237 11.48 10.37 -9.57
N PRO A 238 11.23 9.13 -10.01
CA PRO A 238 11.15 8.84 -11.44
C PRO A 238 10.20 9.78 -12.18
N GLU A 239 10.74 10.45 -13.19
CA GLU A 239 9.97 11.35 -14.06
C GLU A 239 9.69 12.72 -13.45
N CYS A 240 10.17 12.95 -12.24
CA CYS A 240 10.01 14.25 -11.60
C CYS A 240 11.09 15.22 -12.11
N PRO A 241 10.68 16.44 -12.47
CA PRO A 241 11.65 17.45 -12.91
C PRO A 241 12.66 17.73 -11.81
N GLU A 242 13.91 17.96 -12.19
CA GLU A 242 14.97 18.20 -11.20
C GLU A 242 14.75 19.50 -10.45
N SER A 243 14.03 20.43 -11.06
CA SER A 243 13.77 21.72 -10.45
C SER A 243 12.81 21.58 -9.26
N LEU A 244 11.93 20.59 -9.32
CA LEU A 244 11.01 20.33 -8.23
C LEU A 244 11.70 19.57 -7.10
N HIS A 245 12.55 18.62 -7.47
CA HIS A 245 13.35 17.91 -6.48
C HIS A 245 14.35 18.88 -5.85
N ASP A 246 14.81 19.84 -6.65
CA ASP A 246 15.66 20.92 -6.16
C ASP A 246 14.90 21.71 -5.11
N LEU A 247 13.60 21.89 -5.34
CA LEU A 247 12.74 22.60 -4.41
C LEU A 247 12.61 21.81 -3.11
N MET A 248 12.59 20.48 -3.22
CA MET A 248 12.51 19.62 -2.06
C MET A 248 13.75 19.76 -1.21
N CYS A 249 14.91 19.75 -1.87
CA CYS A 249 16.20 19.83 -1.19
C CYS A 249 16.37 21.15 -0.44
N GLN A 250 15.68 22.19 -0.91
CA GLN A 250 15.68 23.47 -0.22
C GLN A 250 14.86 23.34 1.06
N CYS A 251 13.82 22.53 0.99
CA CYS A 251 12.95 22.27 2.14
C CYS A 251 13.64 21.37 3.15
N TRP A 252 14.74 20.73 2.74
CA TRP A 252 15.42 19.77 3.60
C TRP A 252 16.79 20.24 4.09
N ARG A 253 17.09 21.52 3.92
CA ARG A 253 18.34 22.08 4.44
C ARG A 253 18.41 21.82 5.95
N LYS A 254 19.55 21.33 6.42
CA LYS A 254 19.67 20.92 7.82
C LYS A 254 19.52 22.11 8.75
N ASP A 255 19.77 23.30 8.23
CA ASP A 255 19.58 24.53 8.99
C ASP A 255 18.16 25.01 8.81
N PRO A 256 17.35 24.91 9.88
CA PRO A 256 15.93 25.28 9.84
C PRO A 256 15.70 26.63 9.17
N GLU A 257 16.57 27.59 9.42
CA GLU A 257 16.41 28.94 8.88
C GLU A 257 16.85 29.03 7.43
N GLU A 258 17.56 28.01 6.96
CA GLU A 258 17.94 27.93 5.56
C GLU A 258 16.72 27.65 4.68
N ARG A 259 15.79 26.87 5.21
CA ARG A 259 14.59 26.50 4.47
C ARG A 259 13.81 27.72 3.99
N PRO A 260 13.08 27.57 2.88
CA PRO A 260 12.24 28.61 2.30
C PRO A 260 10.95 28.79 3.10
N THR A 261 10.19 29.83 2.80
CA THR A 261 8.92 30.08 3.47
C THR A 261 7.77 29.51 2.65
N PHE A 262 6.60 29.38 3.25
CA PHE A 262 5.43 28.89 2.54
C PHE A 262 4.89 29.94 1.56
N GLU A 263 5.25 31.21 1.77
CA GLU A 263 4.89 32.26 0.82
C GLU A 263 5.71 32.11 -0.46
N TYR A 264 7.01 31.86 -0.31
CA TYR A 264 7.84 31.51 -1.46
C TYR A 264 7.27 30.25 -2.11
N LEU A 265 7.32 29.13 -1.39
CA LEU A 265 6.85 27.86 -1.92
C LEU A 265 5.56 28.03 -2.73
N GLN A 266 4.58 28.74 -2.15
CA GLN A 266 3.31 28.95 -2.82
C GLN A 266 3.46 29.62 -4.18
N ALA A 267 4.22 30.70 -4.23
CA ALA A 267 4.42 31.46 -5.48
C ALA A 267 5.24 30.67 -6.50
N PHE A 268 6.20 29.89 -6.00
CA PHE A 268 7.04 29.08 -6.87
C PHE A 268 6.24 27.96 -7.54
N LEU A 269 5.25 27.44 -6.83
CA LEU A 269 4.42 26.36 -7.37
C LEU A 269 3.32 26.88 -8.28
N GLU A 270 2.79 28.07 -7.98
CA GLU A 270 1.74 28.68 -8.78
C GLU A 270 2.27 29.14 -10.15
N ASP A 271 3.56 29.51 -10.20
CA ASP A 271 4.16 29.97 -11.44
C ASP A 271 4.99 28.88 -12.11
N TYR A 272 4.98 27.69 -11.51
CA TYR A 272 5.90 26.62 -11.91
C TYR A 272 6.06 26.43 -13.41
N PHE A 273 4.96 26.20 -14.12
CA PHE A 273 5.03 25.82 -15.53
C PHE A 273 5.24 27.00 -16.48
N THR A 274 5.48 28.19 -15.93
CA THR A 274 5.81 29.35 -16.75
C THR A 274 7.21 29.85 -16.42
N SER A 275 7.47 30.03 -15.13
CA SER A 275 8.74 30.56 -14.67
C SER A 275 9.81 29.49 -14.49
N THR A 276 9.39 28.28 -14.12
CA THR A 276 10.36 27.25 -13.78
C THR A 276 10.49 26.15 -14.84
N GLU A 277 9.38 25.65 -15.35
CA GLU A 277 9.42 24.57 -16.32
C GLU A 277 8.54 24.83 -17.54
N PRO A 278 8.89 25.86 -18.33
CA PRO A 278 8.05 26.26 -19.46
C PRO A 278 8.03 25.17 -20.55
N GLN A 279 9.00 24.27 -20.51
CA GLN A 279 9.14 23.25 -21.54
C GLN A 279 8.33 21.98 -21.26
N TYR A 280 7.52 22.01 -20.21
CA TYR A 280 6.90 20.78 -19.73
C TYR A 280 6.10 20.02 -20.78
N GLN A 281 6.39 18.72 -20.87
CA GLN A 281 5.65 17.82 -21.75
C GLN A 281 5.27 16.55 -21.00
N PRO A 282 3.99 16.16 -21.10
CA PRO A 282 3.43 15.03 -20.35
C PRO A 282 4.19 13.73 -20.53
N GLY A 283 4.21 12.93 -19.47
CA GLY A 283 4.94 11.68 -19.46
C GLY A 283 4.03 10.52 -19.11
N GLU A 284 4.64 9.36 -18.88
CA GLU A 284 3.87 8.16 -18.60
C GLU A 284 3.16 8.22 -17.26
N ASN A 285 3.83 8.78 -16.25
CA ASN A 285 3.24 8.87 -14.92
C ASN A 285 3.10 10.29 -14.41
N LEU A 286 4.02 11.17 -14.81
CA LEU A 286 3.99 12.54 -14.33
C LEU A 286 3.85 13.53 -15.47
N LYS B 10 19.75 -27.64 -30.10
CA LYS B 10 19.42 -27.73 -28.68
C LYS B 10 19.80 -26.45 -27.93
N ASP B 11 19.34 -26.32 -26.70
CA ASP B 11 19.48 -25.07 -25.95
C ASP B 11 20.81 -24.93 -25.22
N ALA B 12 21.07 -23.71 -24.76
CA ALA B 12 22.25 -23.40 -23.96
C ALA B 12 21.94 -23.66 -22.49
N TRP B 13 20.66 -23.82 -22.18
CA TRP B 13 20.23 -24.20 -20.85
C TRP B 13 20.54 -25.67 -20.57
N GLU B 14 20.88 -26.40 -21.63
CA GLU B 14 21.10 -27.84 -21.53
C GLU B 14 22.39 -28.22 -20.82
N ILE B 15 22.34 -29.35 -20.10
CA ILE B 15 23.49 -29.87 -19.37
C ILE B 15 23.49 -31.38 -19.36
N PRO B 16 24.60 -32.00 -18.92
CA PRO B 16 24.63 -33.45 -18.89
C PRO B 16 23.82 -33.91 -17.69
N ARG B 17 23.44 -35.19 -17.67
CA ARG B 17 22.82 -35.79 -16.50
C ARG B 17 23.91 -36.06 -15.46
N GLU B 18 25.13 -36.28 -15.94
CA GLU B 18 26.24 -36.63 -15.06
C GLU B 18 26.51 -35.52 -14.05
N SER B 19 26.17 -34.29 -14.44
CA SER B 19 26.38 -33.13 -13.61
C SER B 19 25.29 -33.01 -12.54
N LEU B 20 24.29 -33.88 -12.63
CA LEU B 20 23.20 -33.90 -11.67
C LEU B 20 23.37 -35.02 -10.64
N ARG B 21 23.40 -34.64 -9.37
CA ARG B 21 23.51 -35.60 -8.29
C ARG B 21 22.24 -35.62 -7.45
N LEU B 22 21.25 -36.39 -7.88
CA LEU B 22 20.03 -36.60 -7.11
C LEU B 22 20.42 -37.11 -5.73
N GLU B 23 19.73 -36.62 -4.70
CA GLU B 23 20.06 -37.02 -3.34
C GLU B 23 18.83 -37.41 -2.52
N VAL B 24 18.08 -36.41 -2.07
CA VAL B 24 16.93 -36.65 -1.20
C VAL B 24 15.61 -36.43 -1.93
N LYS B 25 14.62 -37.26 -1.59
CA LYS B 25 13.29 -37.14 -2.15
C LYS B 25 12.50 -36.10 -1.35
N LEU B 26 11.85 -35.17 -2.04
CA LEU B 26 11.07 -34.15 -1.37
C LEU B 26 9.58 -34.32 -1.61
N GLY B 27 9.24 -35.11 -2.62
CA GLY B 27 7.84 -35.35 -2.94
C GLY B 27 7.65 -36.08 -4.27
N GLN B 28 6.43 -36.56 -4.48
CA GLN B 28 6.07 -37.25 -5.72
C GLN B 28 4.85 -36.58 -6.34
N GLY B 29 4.71 -36.72 -7.66
CA GLY B 29 3.57 -36.19 -8.37
C GLY B 29 3.13 -37.12 -9.48
N CYS B 30 1.84 -37.13 -9.79
CA CYS B 30 1.32 -37.94 -10.88
C CYS B 30 1.99 -37.48 -12.18
N PHE B 31 2.74 -36.38 -12.07
CA PHE B 31 3.38 -35.76 -13.22
C PHE B 31 4.88 -35.61 -13.01
N GLY B 32 5.42 -36.28 -12.00
CA GLY B 32 6.85 -36.21 -11.71
C GLY B 32 7.19 -35.89 -10.26
N GLU B 33 8.42 -36.20 -9.88
CA GLU B 33 8.88 -36.01 -8.50
C GLU B 33 9.57 -34.67 -8.29
N VAL B 34 10.07 -34.47 -7.07
CA VAL B 34 10.87 -33.31 -6.72
C VAL B 34 12.00 -33.77 -5.81
N TRP B 35 13.19 -33.23 -6.01
CA TRP B 35 14.35 -33.67 -5.25
C TRP B 35 15.26 -32.51 -4.84
N MET B 36 15.95 -32.69 -3.73
CA MET B 36 17.10 -31.86 -3.40
C MET B 36 18.33 -32.62 -3.91
N GLY B 37 19.22 -31.91 -4.60
CA GLY B 37 20.38 -32.55 -5.19
C GLY B 37 21.57 -31.63 -5.26
N THR B 38 22.56 -32.00 -6.07
CA THR B 38 23.76 -31.19 -6.24
C THR B 38 24.08 -31.02 -7.73
N TRP B 39 24.57 -29.84 -8.10
CA TRP B 39 24.87 -29.52 -9.49
C TRP B 39 26.37 -29.24 -9.64
N ASN B 40 27.02 -29.99 -10.52
CA ASN B 40 28.46 -29.86 -10.74
C ASN B 40 29.24 -30.07 -9.45
N GLY B 41 28.65 -30.81 -8.52
CA GLY B 41 29.31 -31.14 -7.27
C GLY B 41 29.63 -29.91 -6.44
N THR B 42 28.99 -28.80 -6.77
CA THR B 42 29.25 -27.55 -6.07
C THR B 42 27.96 -26.92 -5.55
N THR B 43 26.96 -26.85 -6.40
CA THR B 43 25.76 -26.08 -6.13
C THR B 43 24.60 -26.96 -5.65
N ARG B 44 23.95 -26.55 -4.56
CA ARG B 44 22.73 -27.23 -4.14
C ARG B 44 21.56 -26.78 -5.00
N VAL B 45 20.73 -27.72 -5.41
CA VAL B 45 19.63 -27.42 -6.32
C VAL B 45 18.37 -28.21 -5.98
N ALA B 46 17.26 -27.79 -6.57
CA ALA B 46 16.03 -28.56 -6.53
C ALA B 46 15.80 -29.13 -7.93
N ILE B 47 15.36 -30.38 -8.01
CA ILE B 47 15.22 -31.03 -9.30
C ILE B 47 13.82 -31.61 -9.50
N LYS B 48 13.12 -31.10 -10.50
CA LYS B 48 11.79 -31.58 -10.84
C LYS B 48 11.90 -32.54 -12.02
N THR B 49 11.44 -33.77 -11.83
CA THR B 49 11.59 -34.81 -12.84
C THR B 49 10.47 -34.77 -13.87
N MET B 55 5.75 -36.35 -21.52
CA MET B 55 5.24 -35.96 -22.82
C MET B 55 6.38 -35.75 -23.81
N SER B 56 6.03 -35.49 -25.07
CA SER B 56 7.05 -35.32 -26.12
C SER B 56 8.14 -34.34 -25.72
N PRO B 57 9.35 -34.54 -26.27
CA PRO B 57 10.52 -33.70 -26.01
C PRO B 57 10.19 -32.22 -26.15
N GLU B 58 9.76 -31.82 -27.34
CA GLU B 58 9.48 -30.42 -27.64
C GLU B 58 8.33 -29.86 -26.81
N ALA B 59 7.36 -30.71 -26.49
CA ALA B 59 6.21 -30.30 -25.70
C ALA B 59 6.64 -29.96 -24.27
N PHE B 60 7.54 -30.77 -23.73
CA PHE B 60 8.11 -30.52 -22.41
C PHE B 60 9.32 -29.59 -22.55
N LEU B 61 9.54 -29.16 -23.79
CA LEU B 61 10.60 -28.20 -24.09
C LEU B 61 10.02 -26.83 -24.37
N GLN B 62 8.72 -26.67 -24.14
CA GLN B 62 8.06 -25.39 -24.26
C GLN B 62 7.88 -24.79 -22.88
N GLU B 63 7.45 -25.63 -21.94
CA GLU B 63 7.37 -25.26 -20.54
C GLU B 63 8.70 -24.66 -20.12
N ALA B 64 9.73 -24.95 -20.90
CA ALA B 64 11.03 -24.34 -20.73
C ALA B 64 11.01 -22.97 -21.35
N GLN B 65 10.69 -22.90 -22.65
CA GLN B 65 10.69 -21.63 -23.37
C GLN B 65 9.93 -20.55 -22.60
N VAL B 66 8.90 -20.96 -21.85
CA VAL B 66 8.12 -20.02 -21.06
C VAL B 66 8.90 -19.59 -19.82
N MET B 67 9.49 -20.56 -19.14
CA MET B 67 10.26 -20.30 -17.92
C MET B 67 11.59 -19.63 -18.23
N LYS B 68 12.29 -20.13 -19.24
CA LYS B 68 13.64 -19.70 -19.56
C LYS B 68 13.78 -18.17 -19.66
N LYS B 69 12.72 -17.50 -20.09
CA LYS B 69 12.75 -16.07 -20.32
C LYS B 69 12.28 -15.29 -19.10
N ILE B 70 12.28 -15.98 -17.97
CA ILE B 70 11.89 -15.39 -16.70
C ILE B 70 13.12 -15.13 -15.85
N ARG B 71 13.22 -13.93 -15.30
CA ARG B 71 14.32 -13.62 -14.39
C ARG B 71 13.95 -12.53 -13.39
N HIS B 72 13.46 -12.96 -12.23
CA HIS B 72 13.12 -12.03 -11.16
C HIS B 72 13.52 -12.63 -9.82
N GLU B 73 13.88 -11.77 -8.87
CA GLU B 73 14.36 -12.24 -7.57
C GLU B 73 13.23 -12.85 -6.74
N LYS B 74 11.99 -12.66 -7.16
CA LYS B 74 10.85 -13.20 -6.44
C LYS B 74 10.21 -14.36 -7.19
N LEU B 75 10.92 -14.87 -8.18
CA LEU B 75 10.48 -16.03 -8.94
C LEU B 75 11.56 -17.10 -8.91
N VAL B 76 11.17 -18.32 -8.57
CA VAL B 76 12.10 -19.44 -8.50
C VAL B 76 12.92 -19.53 -9.79
N GLN B 77 14.24 -19.46 -9.64
CA GLN B 77 15.14 -19.36 -10.79
C GLN B 77 15.55 -20.71 -11.37
N LEU B 78 15.37 -20.87 -12.68
CA LEU B 78 15.83 -22.05 -13.38
C LEU B 78 17.35 -22.01 -13.52
N TYR B 79 18.00 -23.14 -13.26
CA TYR B 79 19.45 -23.23 -13.37
C TYR B 79 19.89 -23.96 -14.64
N ALA B 80 19.23 -25.09 -14.91
CA ALA B 80 19.51 -25.87 -16.12
C ALA B 80 18.38 -26.86 -16.39
N VAL B 81 18.42 -27.50 -17.55
CA VAL B 81 17.44 -28.52 -17.90
C VAL B 81 18.10 -29.72 -18.55
N VAL B 82 17.44 -30.87 -18.46
CA VAL B 82 17.90 -32.07 -19.14
C VAL B 82 16.78 -32.66 -19.97
N SER B 83 16.72 -32.27 -21.24
CA SER B 83 15.66 -32.72 -22.12
C SER B 83 16.15 -33.85 -23.02
N TYR B 88 13.73 -33.60 -16.47
CA TYR B 88 14.58 -32.91 -15.51
C TYR B 88 14.51 -31.39 -15.70
N ILE B 89 14.32 -30.68 -14.59
CA ILE B 89 14.32 -29.23 -14.60
C ILE B 89 14.97 -28.72 -13.32
N VAL B 90 16.23 -28.29 -13.41
CA VAL B 90 16.99 -27.88 -12.25
C VAL B 90 16.74 -26.42 -11.88
N THR B 91 16.48 -26.16 -10.60
CA THR B 91 16.23 -24.80 -10.13
C THR B 91 16.96 -24.55 -8.82
N GLU B 92 16.90 -23.32 -8.33
CA GLU B 92 17.48 -22.99 -7.04
C GLU B 92 16.74 -23.74 -5.95
N TYR B 93 17.45 -24.06 -4.86
CA TYR B 93 16.84 -24.77 -3.74
C TYR B 93 16.19 -23.79 -2.76
N MET B 94 15.03 -24.18 -2.23
CA MET B 94 14.32 -23.37 -1.25
C MET B 94 14.18 -24.14 0.06
N SER B 95 15.05 -23.80 1.01
CA SER B 95 15.23 -24.58 2.24
C SER B 95 13.95 -24.85 3.04
N LYS B 96 12.98 -23.95 2.96
CA LYS B 96 11.82 -24.01 3.86
C LYS B 96 10.52 -24.56 3.27
N GLY B 97 10.60 -25.19 2.11
CA GLY B 97 9.45 -25.84 1.52
C GLY B 97 8.38 -24.89 1.01
N SER B 98 7.18 -25.42 0.81
CA SER B 98 6.07 -24.63 0.27
C SER B 98 5.47 -23.69 1.31
N LEU B 99 4.84 -22.63 0.83
CA LEU B 99 4.19 -21.65 1.71
C LEU B 99 3.02 -22.29 2.43
N LEU B 100 2.38 -23.25 1.79
CA LEU B 100 1.25 -23.95 2.38
C LEU B 100 1.68 -24.77 3.59
N ASP B 101 2.69 -25.61 3.40
CA ASP B 101 3.22 -26.43 4.48
C ASP B 101 3.79 -25.57 5.61
N PHE B 102 4.54 -24.54 5.22
CA PHE B 102 5.13 -23.60 6.17
C PHE B 102 4.04 -22.93 7.00
N LEU B 103 2.89 -22.72 6.39
CA LEU B 103 1.81 -21.95 6.99
C LEU B 103 1.06 -22.74 8.07
N LYS B 104 0.75 -24.00 7.78
CA LYS B 104 0.02 -24.83 8.73
C LYS B 104 0.94 -25.65 9.61
N GLY B 105 2.24 -25.57 9.34
CA GLY B 105 3.23 -26.30 10.11
C GLY B 105 3.53 -25.62 11.43
N GLU B 106 4.49 -26.18 12.16
CA GLU B 106 4.93 -25.62 13.43
C GLU B 106 5.28 -24.14 13.30
N MET B 107 5.83 -23.77 12.16
CA MET B 107 6.22 -22.38 11.89
C MET B 107 5.01 -21.49 11.59
N GLY B 108 3.82 -21.96 11.93
CA GLY B 108 2.60 -21.23 11.65
C GLY B 108 2.09 -20.43 12.82
N LYS B 109 2.24 -21.00 14.02
CA LYS B 109 1.67 -20.43 15.23
C LYS B 109 2.22 -19.04 15.59
N TYR B 110 3.41 -18.73 15.10
CA TYR B 110 4.07 -17.48 15.49
C TYR B 110 3.99 -16.39 14.41
N LEU B 111 3.68 -16.79 13.18
CA LEU B 111 3.58 -15.85 12.06
C LEU B 111 2.40 -14.90 12.23
N ARG B 112 2.67 -13.64 12.53
CA ARG B 112 1.61 -12.65 12.72
C ARG B 112 1.37 -11.80 11.47
N LEU B 113 0.49 -10.81 11.61
CA LEU B 113 0.01 -10.03 10.47
C LEU B 113 1.14 -9.31 9.69
N PRO B 114 2.08 -8.70 10.40
CA PRO B 114 3.21 -8.00 9.77
C PRO B 114 4.06 -8.91 8.88
N GLN B 115 4.27 -10.16 9.31
CA GLN B 115 5.05 -11.10 8.53
C GLN B 115 4.26 -11.62 7.33
N LEU B 116 2.99 -11.91 7.55
CA LEU B 116 2.13 -12.46 6.51
C LEU B 116 1.91 -11.44 5.39
N VAL B 117 1.86 -10.16 5.77
CA VAL B 117 1.69 -9.08 4.80
C VAL B 117 2.98 -8.86 4.04
N ASP B 118 4.11 -9.18 4.67
CA ASP B 118 5.41 -9.06 4.03
C ASP B 118 5.56 -10.13 2.96
N MET B 119 5.14 -11.35 3.30
CA MET B 119 5.20 -12.46 2.35
C MET B 119 4.28 -12.18 1.16
N ALA B 120 3.14 -11.56 1.43
CA ALA B 120 2.20 -11.19 0.39
C ALA B 120 2.83 -10.16 -0.54
N ALA B 121 3.55 -9.20 0.06
CA ALA B 121 4.22 -8.16 -0.70
C ALA B 121 5.28 -8.74 -1.62
N GLN B 122 5.98 -9.78 -1.16
CA GLN B 122 7.00 -10.43 -1.97
C GLN B 122 6.37 -11.10 -3.18
N ILE B 123 5.37 -11.94 -2.93
CA ILE B 123 4.68 -12.65 -4.00
C ILE B 123 4.11 -11.68 -5.03
N ALA B 124 3.44 -10.64 -4.54
CA ALA B 124 2.88 -9.62 -5.42
C ALA B 124 3.98 -8.99 -6.26
N SER B 125 5.19 -8.94 -5.72
CA SER B 125 6.34 -8.39 -6.42
C SER B 125 6.76 -9.31 -7.56
N GLY B 126 6.69 -10.61 -7.32
CA GLY B 126 7.01 -11.60 -8.34
C GLY B 126 5.97 -11.62 -9.44
N MET B 127 4.70 -11.48 -9.04
CA MET B 127 3.61 -11.46 -10.00
C MET B 127 3.56 -10.14 -10.76
N ALA B 128 4.17 -9.11 -10.17
CA ALA B 128 4.28 -7.81 -10.83
C ALA B 128 5.25 -7.89 -11.99
N TYR B 129 6.32 -8.65 -11.80
CA TYR B 129 7.28 -8.90 -12.88
C TYR B 129 6.60 -9.74 -13.96
N VAL B 130 5.91 -10.79 -13.54
CA VAL B 130 5.12 -11.60 -14.46
C VAL B 130 4.16 -10.70 -15.22
N GLU B 131 3.67 -9.67 -14.56
CA GLU B 131 2.71 -8.76 -15.15
C GLU B 131 3.34 -7.88 -16.23
N ARG B 132 4.53 -7.35 -15.94
CA ARG B 132 5.22 -6.48 -16.89
C ARG B 132 5.75 -7.25 -18.09
N MET B 133 5.73 -8.57 -17.99
CA MET B 133 6.22 -9.42 -19.07
C MET B 133 5.03 -9.91 -19.91
N ASN B 134 3.84 -9.48 -19.53
CA ASN B 134 2.62 -9.90 -20.20
C ASN B 134 2.44 -11.42 -20.13
N TYR B 135 2.95 -12.02 -19.07
CA TYR B 135 2.80 -13.45 -18.85
C TYR B 135 1.61 -13.77 -17.93
N VAL B 136 1.20 -15.04 -17.93
CA VAL B 136 0.17 -15.50 -17.02
C VAL B 136 0.64 -16.77 -16.31
N HIS B 137 0.41 -16.84 -15.00
CA HIS B 137 0.84 -18.00 -14.23
C HIS B 137 -0.16 -19.15 -14.31
N ARG B 138 -1.44 -18.82 -14.15
CA ARG B 138 -2.53 -19.78 -14.31
C ARG B 138 -2.84 -20.60 -13.06
N ASP B 139 -1.87 -20.69 -12.16
CA ASP B 139 -2.06 -21.47 -10.94
C ASP B 139 -1.38 -20.82 -9.74
N LEU B 140 -1.78 -19.59 -9.41
CA LEU B 140 -1.21 -18.88 -8.29
C LEU B 140 -1.90 -19.25 -6.98
N ARG B 141 -1.16 -19.91 -6.09
CA ARG B 141 -1.67 -20.26 -4.77
C ARG B 141 -0.56 -20.66 -3.81
N ALA B 142 -0.93 -20.88 -2.54
CA ALA B 142 0.05 -21.16 -1.50
C ALA B 142 0.93 -22.37 -1.79
N ALA B 143 0.32 -23.42 -2.34
CA ALA B 143 1.05 -24.65 -2.65
C ALA B 143 2.16 -24.40 -3.67
N ASN B 144 2.03 -23.30 -4.41
CA ASN B 144 2.99 -22.98 -5.46
C ASN B 144 3.88 -21.81 -5.11
N ILE B 145 3.96 -21.50 -3.82
CA ILE B 145 4.87 -20.46 -3.33
C ILE B 145 5.90 -21.10 -2.40
N LEU B 146 7.17 -21.00 -2.77
CA LEU B 146 8.23 -21.60 -1.98
C LEU B 146 8.87 -20.60 -1.00
N VAL B 147 9.15 -21.08 0.21
CA VAL B 147 9.78 -20.26 1.23
C VAL B 147 11.26 -20.59 1.34
N GLY B 148 12.09 -19.57 1.57
CA GLY B 148 13.52 -19.76 1.67
C GLY B 148 14.08 -19.16 2.95
N GLU B 149 15.36 -18.83 2.93
CA GLU B 149 16.00 -18.25 4.09
C GLU B 149 15.52 -16.83 4.35
N ASN B 150 15.23 -16.55 5.62
CA ASN B 150 14.79 -15.22 6.05
C ASN B 150 13.34 -14.92 5.70
N LEU B 151 12.49 -15.96 5.73
CA LEU B 151 11.09 -15.82 5.37
C LEU B 151 10.90 -15.28 3.95
N VAL B 152 11.84 -15.62 3.07
CA VAL B 152 11.78 -15.20 1.67
C VAL B 152 10.81 -16.07 0.88
N CYS B 153 9.95 -15.44 0.09
CA CYS B 153 8.95 -16.17 -0.69
C CYS B 153 9.10 -15.92 -2.19
N LYS B 154 9.11 -17.00 -2.97
CA LYS B 154 9.21 -16.91 -4.42
C LYS B 154 8.10 -17.69 -5.12
N VAL B 155 7.56 -17.11 -6.19
CA VAL B 155 6.54 -17.78 -6.99
C VAL B 155 7.18 -18.96 -7.74
N ALA B 156 6.54 -20.12 -7.68
CA ALA B 156 7.14 -21.34 -8.22
C ALA B 156 6.30 -22.01 -9.31
N ASP B 157 6.96 -22.83 -10.12
CA ASP B 157 6.31 -23.62 -11.16
C ASP B 157 5.49 -22.78 -12.14
N PHE B 158 6.17 -21.91 -12.88
CA PHE B 158 5.50 -21.05 -13.83
C PHE B 158 4.88 -21.84 -14.99
N GLY B 159 5.62 -22.83 -15.48
CA GLY B 159 5.14 -23.64 -16.59
C GLY B 159 5.14 -25.11 -16.26
N PHE B 177 -8.66 -30.20 -9.83
CA PHE B 177 -8.61 -28.87 -10.40
C PHE B 177 -8.77 -27.79 -9.32
N PRO B 178 -8.00 -26.69 -9.44
CA PRO B 178 -7.99 -25.61 -8.44
C PRO B 178 -9.20 -24.69 -8.54
N ILE B 179 -10.40 -25.25 -8.56
CA ILE B 179 -11.62 -24.47 -8.68
C ILE B 179 -11.71 -23.33 -7.66
N LYS B 180 -11.38 -23.62 -6.40
CA LYS B 180 -11.51 -22.64 -5.34
C LYS B 180 -10.50 -21.50 -5.44
N TRP B 181 -9.48 -21.67 -6.27
CA TRP B 181 -8.47 -20.64 -6.47
C TRP B 181 -8.64 -19.92 -7.81
N THR B 182 -9.42 -20.52 -8.70
CA THR B 182 -9.56 -20.03 -10.07
C THR B 182 -10.66 -18.99 -10.25
N ALA B 183 -10.36 -17.95 -11.02
CA ALA B 183 -11.37 -16.94 -11.37
C ALA B 183 -12.46 -17.58 -12.24
N PRO B 184 -13.71 -17.13 -12.03
CA PRO B 184 -14.87 -17.71 -12.73
C PRO B 184 -14.70 -17.76 -14.24
N GLU B 185 -14.27 -16.65 -14.84
CA GLU B 185 -14.10 -16.62 -16.29
C GLU B 185 -13.06 -17.65 -16.73
N ALA B 186 -12.08 -17.91 -15.87
CA ALA B 186 -11.04 -18.88 -16.19
C ALA B 186 -11.54 -20.31 -15.99
N ALA B 187 -12.26 -20.53 -14.90
CA ALA B 187 -12.78 -21.86 -14.58
C ALA B 187 -13.89 -22.28 -15.53
N LEU B 188 -14.60 -21.30 -16.08
CA LEU B 188 -15.76 -21.58 -16.93
C LEU B 188 -15.46 -21.54 -18.42
N TYR B 189 -14.86 -20.45 -18.88
CA TYR B 189 -14.65 -20.26 -20.31
C TYR B 189 -13.17 -20.29 -20.68
N GLY B 190 -12.33 -20.66 -19.73
CA GLY B 190 -10.91 -20.79 -19.97
C GLY B 190 -10.23 -19.47 -20.25
N ARG B 191 -10.86 -18.38 -19.82
CA ARG B 191 -10.28 -17.06 -20.01
C ARG B 191 -9.22 -16.79 -18.94
N PHE B 192 -8.03 -17.31 -19.16
CA PHE B 192 -6.93 -17.11 -18.23
C PHE B 192 -6.14 -15.85 -18.58
N THR B 193 -6.08 -14.92 -17.62
CA THR B 193 -5.30 -13.70 -17.78
C THR B 193 -4.63 -13.32 -16.48
N ILE B 194 -3.78 -12.30 -16.53
CA ILE B 194 -3.12 -11.80 -15.34
C ILE B 194 -4.16 -11.31 -14.34
N LYS B 195 -5.37 -11.03 -14.84
CA LYS B 195 -6.45 -10.56 -13.99
C LYS B 195 -7.12 -11.73 -13.26
N SER B 196 -7.08 -12.92 -13.85
CA SER B 196 -7.55 -14.10 -13.16
C SER B 196 -6.47 -14.59 -12.21
N ASP B 197 -5.24 -14.15 -12.47
CA ASP B 197 -4.13 -14.38 -11.55
C ASP B 197 -4.32 -13.55 -10.31
N VAL B 198 -4.80 -12.32 -10.51
CA VAL B 198 -5.09 -11.42 -9.39
C VAL B 198 -6.19 -12.00 -8.51
N TRP B 199 -7.17 -12.63 -9.14
CA TRP B 199 -8.24 -13.29 -8.39
C TRP B 199 -7.65 -14.34 -7.47
N SER B 200 -6.84 -15.23 -8.03
CA SER B 200 -6.21 -16.28 -7.24
C SER B 200 -5.37 -15.68 -6.12
N PHE B 201 -4.89 -14.46 -6.33
CA PHE B 201 -4.10 -13.76 -5.32
C PHE B 201 -4.94 -13.40 -4.11
N GLY B 202 -6.20 -13.02 -4.35
CA GLY B 202 -7.14 -12.75 -3.27
C GLY B 202 -7.42 -14.00 -2.47
N ILE B 203 -7.47 -15.14 -3.16
CA ILE B 203 -7.66 -16.44 -2.50
C ILE B 203 -6.39 -16.80 -1.74
N LEU B 204 -5.25 -16.32 -2.22
CA LEU B 204 -3.98 -16.55 -1.57
C LEU B 204 -3.92 -15.74 -0.29
N LEU B 205 -4.62 -14.60 -0.28
CA LEU B 205 -4.66 -13.71 0.87
C LEU B 205 -5.36 -14.36 2.07
N THR B 206 -6.33 -15.23 1.79
CA THR B 206 -7.05 -15.91 2.86
C THR B 206 -6.19 -17.01 3.45
N GLU B 207 -5.44 -17.70 2.60
CA GLU B 207 -4.53 -18.74 3.04
C GLU B 207 -3.52 -18.19 4.04
N LEU B 208 -2.98 -17.01 3.75
CA LEU B 208 -1.99 -16.39 4.62
C LEU B 208 -2.61 -15.97 5.95
N THR B 209 -3.87 -15.55 5.92
CA THR B 209 -4.52 -14.99 7.09
C THR B 209 -5.29 -16.02 7.92
N THR B 210 -5.36 -17.25 7.42
CA THR B 210 -6.00 -18.34 8.15
C THR B 210 -5.01 -19.45 8.44
N LYS B 211 -3.74 -19.17 8.20
CA LYS B 211 -2.67 -20.14 8.44
C LYS B 211 -2.78 -21.37 7.53
N GLY B 212 -3.09 -21.15 6.26
CA GLY B 212 -3.11 -22.22 5.28
C GLY B 212 -4.35 -23.09 5.26
N ARG B 213 -5.49 -22.53 5.62
CA ARG B 213 -6.75 -23.28 5.60
C ARG B 213 -7.45 -23.19 4.23
N VAL B 214 -7.96 -24.33 3.78
CA VAL B 214 -8.63 -24.42 2.48
C VAL B 214 -9.78 -23.42 2.36
N PRO B 215 -9.78 -22.62 1.28
CA PRO B 215 -10.80 -21.61 1.03
C PRO B 215 -12.20 -22.20 0.95
N TYR B 216 -13.21 -21.41 1.31
CA TYR B 216 -14.60 -21.86 1.30
C TYR B 216 -14.79 -23.15 2.10
N PRO B 217 -14.41 -23.14 3.38
CA PRO B 217 -14.52 -24.32 4.24
C PRO B 217 -15.95 -24.85 4.31
N GLY B 218 -16.10 -26.16 4.22
CA GLY B 218 -17.40 -26.79 4.27
C GLY B 218 -18.08 -26.83 2.92
N MET B 219 -17.54 -26.08 1.96
CA MET B 219 -18.11 -26.02 0.62
C MET B 219 -17.32 -26.89 -0.35
N VAL B 220 -18.02 -27.50 -1.30
CA VAL B 220 -17.36 -28.30 -2.33
C VAL B 220 -17.26 -27.53 -3.64
N ASN B 221 -16.59 -28.12 -4.61
CA ASN B 221 -16.32 -27.46 -5.88
C ASN B 221 -17.57 -26.96 -6.60
N ARG B 222 -18.63 -27.76 -6.57
CA ARG B 222 -19.88 -27.39 -7.22
C ARG B 222 -20.55 -26.25 -6.48
N GLU B 223 -20.55 -26.33 -5.15
CA GLU B 223 -21.06 -25.26 -4.31
C GLU B 223 -20.39 -23.94 -4.68
N VAL B 224 -19.07 -23.96 -4.73
CA VAL B 224 -18.28 -22.75 -4.97
C VAL B 224 -18.60 -22.07 -6.30
N LEU B 225 -18.68 -22.84 -7.38
CA LEU B 225 -18.97 -22.27 -8.69
C LEU B 225 -20.33 -21.58 -8.73
N ASP B 226 -21.34 -22.20 -8.13
CA ASP B 226 -22.66 -21.61 -8.07
C ASP B 226 -22.65 -20.38 -7.16
N GLN B 227 -22.19 -20.56 -5.92
CA GLN B 227 -22.18 -19.50 -4.93
C GLN B 227 -21.46 -18.24 -5.44
N VAL B 228 -20.21 -18.41 -5.89
CA VAL B 228 -19.44 -17.28 -6.41
C VAL B 228 -20.19 -16.58 -7.54
N GLU B 229 -20.89 -17.34 -8.36
CA GLU B 229 -21.61 -16.78 -9.51
C GLU B 229 -22.77 -15.93 -9.02
N ARG B 230 -23.37 -16.32 -7.90
CA ARG B 230 -24.44 -15.55 -7.29
C ARG B 230 -23.92 -14.29 -6.63
N GLY B 231 -22.59 -14.15 -6.57
CA GLY B 231 -21.95 -12.97 -6.02
C GLY B 231 -21.34 -13.19 -4.65
N TYR B 232 -21.36 -14.44 -4.18
CA TYR B 232 -20.86 -14.76 -2.85
C TYR B 232 -19.34 -14.63 -2.72
N ARG B 233 -18.90 -13.97 -1.66
CA ARG B 233 -17.48 -13.82 -1.36
C ARG B 233 -17.18 -14.32 0.05
N MET B 234 -15.92 -14.63 0.33
CA MET B 234 -15.51 -15.06 1.66
C MET B 234 -15.48 -13.88 2.63
N PRO B 235 -15.94 -14.10 3.87
CA PRO B 235 -16.01 -13.08 4.91
C PRO B 235 -14.64 -12.70 5.43
N CYS B 236 -14.59 -11.67 6.27
CA CYS B 236 -13.34 -11.24 6.89
C CYS B 236 -12.83 -12.32 7.85
N PRO B 237 -11.65 -12.87 7.57
CA PRO B 237 -11.07 -13.90 8.44
C PRO B 237 -10.87 -13.38 9.86
N PRO B 238 -11.01 -14.25 10.87
CA PRO B 238 -10.87 -13.83 12.26
C PRO B 238 -9.57 -13.07 12.50
N GLU B 239 -9.70 -11.86 13.02
CA GLU B 239 -8.57 -11.01 13.39
C GLU B 239 -7.90 -10.31 12.21
N CYS B 240 -8.42 -10.54 11.01
CA CYS B 240 -7.88 -9.84 9.84
C CYS B 240 -8.49 -8.45 9.73
N PRO B 241 -7.64 -7.43 9.49
CA PRO B 241 -8.12 -6.06 9.31
C PRO B 241 -9.11 -5.99 8.15
N GLU B 242 -10.14 -5.16 8.27
CA GLU B 242 -11.16 -5.06 7.23
C GLU B 242 -10.60 -4.46 5.96
N SER B 243 -9.53 -3.68 6.09
CA SER B 243 -8.90 -3.04 4.94
C SER B 243 -8.21 -4.06 4.05
N LEU B 244 -7.75 -5.16 4.64
CA LEU B 244 -7.11 -6.21 3.87
C LEU B 244 -8.16 -7.10 3.21
N HIS B 245 -9.25 -7.36 3.94
CA HIS B 245 -10.36 -8.11 3.37
C HIS B 245 -11.01 -7.29 2.26
N ASP B 246 -10.95 -5.97 2.38
CA ASP B 246 -11.42 -5.09 1.32
C ASP B 246 -10.55 -5.26 0.08
N LEU B 247 -9.25 -5.45 0.30
CA LEU B 247 -8.31 -5.67 -0.79
C LEU B 247 -8.60 -7.00 -1.47
N MET B 248 -9.10 -7.96 -0.71
CA MET B 248 -9.46 -9.26 -1.24
C MET B 248 -10.66 -9.15 -2.16
N CYS B 249 -11.67 -8.41 -1.72
CA CYS B 249 -12.91 -8.25 -2.48
C CYS B 249 -12.69 -7.53 -3.81
N GLN B 250 -11.66 -6.69 -3.86
CA GLN B 250 -11.30 -6.03 -5.10
C GLN B 250 -10.67 -7.04 -6.04
N CYS B 251 -9.96 -8.00 -5.45
CA CYS B 251 -9.33 -9.07 -6.21
C CYS B 251 -10.36 -10.08 -6.71
N TRP B 252 -11.58 -10.00 -6.21
CA TRP B 252 -12.63 -10.93 -6.60
C TRP B 252 -13.80 -10.28 -7.34
N ARG B 253 -13.57 -9.09 -7.91
CA ARG B 253 -14.60 -8.41 -8.68
C ARG B 253 -15.05 -9.28 -9.84
N LYS B 254 -16.36 -9.40 -10.03
CA LYS B 254 -16.92 -10.19 -11.12
C LYS B 254 -16.31 -9.81 -12.46
N ASP B 255 -16.05 -8.52 -12.64
CA ASP B 255 -15.46 -8.02 -13.87
C ASP B 255 -13.93 -8.04 -13.79
N PRO B 256 -13.29 -8.84 -14.64
CA PRO B 256 -11.84 -9.05 -14.68
C PRO B 256 -11.06 -7.74 -14.72
N GLU B 257 -11.55 -6.77 -15.48
CA GLU B 257 -10.84 -5.50 -15.64
C GLU B 257 -11.05 -4.58 -14.45
N GLU B 258 -12.02 -4.90 -13.61
CA GLU B 258 -12.25 -4.16 -12.38
C GLU B 258 -11.13 -4.42 -11.39
N ARG B 259 -10.60 -5.64 -11.40
CA ARG B 259 -9.54 -6.03 -10.47
C ARG B 259 -8.32 -5.12 -10.57
N PRO B 260 -7.59 -4.98 -9.46
CA PRO B 260 -6.36 -4.19 -9.40
C PRO B 260 -5.20 -4.90 -10.08
N THR B 261 -4.08 -4.20 -10.27
CA THR B 261 -2.89 -4.79 -10.86
C THR B 261 -1.94 -5.28 -9.77
N PHE B 262 -0.96 -6.09 -10.15
CA PHE B 262 0.02 -6.59 -9.19
C PHE B 262 1.01 -5.48 -8.79
N GLU B 263 1.11 -4.45 -9.62
CA GLU B 263 1.93 -3.28 -9.27
C GLU B 263 1.27 -2.49 -8.15
N TYR B 264 -0.05 -2.30 -8.25
CA TYR B 264 -0.81 -1.72 -7.16
C TYR B 264 -0.69 -2.63 -5.94
N LEU B 265 -1.20 -3.85 -6.03
CA LEU B 265 -1.16 -4.78 -4.92
C LEU B 265 0.18 -4.74 -4.19
N GLN B 266 1.27 -4.81 -4.95
CA GLN B 266 2.61 -4.79 -4.36
C GLN B 266 2.86 -3.55 -3.51
N ALA B 267 2.56 -2.38 -4.05
CA ALA B 267 2.79 -1.11 -3.34
C ALA B 267 1.86 -0.96 -2.14
N PHE B 268 0.64 -1.48 -2.27
CA PHE B 268 -0.34 -1.39 -1.21
C PHE B 268 0.07 -2.25 -0.01
N LEU B 269 0.71 -3.38 -0.29
CA LEU B 269 1.15 -4.30 0.75
C LEU B 269 2.47 -3.85 1.39
N GLU B 270 3.35 -3.24 0.59
CA GLU B 270 4.63 -2.76 1.10
C GLU B 270 4.46 -1.54 2.02
N ASP B 271 3.42 -0.76 1.79
CA ASP B 271 3.16 0.42 2.60
C ASP B 271 2.07 0.17 3.63
N TYR B 272 1.58 -1.06 3.69
CA TYR B 272 0.39 -1.39 4.48
C TYR B 272 0.34 -0.78 5.87
N PHE B 273 1.36 -1.04 6.69
CA PHE B 273 1.32 -0.63 8.09
C PHE B 273 1.66 0.84 8.35
N THR B 274 1.79 1.62 7.27
CA THR B 274 2.00 3.04 7.41
C THR B 274 0.85 3.80 6.76
N SER B 275 0.53 3.44 5.53
CA SER B 275 -0.50 4.12 4.77
C SER B 275 -1.90 3.57 5.05
N THR B 276 -1.99 2.27 5.34
CA THR B 276 -3.29 1.62 5.47
C THR B 276 -3.71 1.31 6.91
N GLU B 277 -2.83 0.69 7.69
CA GLU B 277 -3.19 0.34 9.07
C GLU B 277 -2.14 0.79 10.08
N PRO B 278 -1.99 2.10 10.27
CA PRO B 278 -1.04 2.66 11.23
C PRO B 278 -1.36 2.30 12.67
N GLN B 279 -2.64 2.04 12.98
CA GLN B 279 -3.05 1.74 14.34
C GLN B 279 -2.87 0.27 14.69
N TYR B 280 -2.17 -0.48 13.85
CA TYR B 280 -2.08 -1.92 14.02
C TYR B 280 -1.55 -2.33 15.40
N GLN B 281 -2.21 -3.32 15.99
CA GLN B 281 -1.78 -3.92 17.25
C GLN B 281 -1.91 -5.42 17.15
N PRO B 282 -0.88 -6.15 17.59
CA PRO B 282 -0.85 -7.62 17.50
C PRO B 282 -1.98 -8.26 18.30
N GLY B 283 -2.41 -9.44 17.85
CA GLY B 283 -3.48 -10.15 18.52
C GLY B 283 -3.11 -11.59 18.80
N GLU B 284 -4.10 -12.42 19.06
CA GLU B 284 -3.85 -13.80 19.41
C GLU B 284 -3.32 -14.61 18.23
N ASN B 285 -3.86 -14.38 17.04
CA ASN B 285 -3.46 -15.15 15.87
C ASN B 285 -2.99 -14.32 14.70
N LEU B 286 -3.19 -13.00 14.77
CA LEU B 286 -2.79 -12.12 13.68
C LEU B 286 -2.21 -10.82 14.20
#